data_9NEK
#
_entry.id   9NEK
#
_cell.length_a   1.00
_cell.length_b   1.00
_cell.length_c   1.00
_cell.angle_alpha   90.00
_cell.angle_beta   90.00
_cell.angle_gamma   90.00
#
_symmetry.space_group_name_H-M   'P 1'
#
_entity_poly.entity_id   1
_entity_poly.type   'polypeptide(L)'
_entity_poly.pdbx_seq_one_letter_code
;MKFSNSYYAYIENQKNDYPDIGLERNPSEYQTGYHRIPNQYWASFLTPKDWFNLIYNNKAFRVVGARCTVSNMIPLTEQA
AIQGNTTITTFNNTIYALCYTDNNYETEWEEPAARDLSFMWREGLTNGARHMLPTYKHGIYRTTTSQAHNVFYGWDPLCK
AENILELRPGKNAVTFEWHAKEEIWLNTHMMQQFDPTHTPGIANTATVYSQEIHNQTHSNVTPHSHLNRWISQTDTAPAT
ARHWSKQAIQRPGIMEQQFRYPIPNWFIKMIPLFDSQNNLIKTTAQVLITMELTVDTIPQSLAINMPIIDDIIAPNHTPN
SVPYCMFRYQPIIPINVGVLPAPPTKGVFIPELPARSDPTSDVE
;
_entity_poly.pdbx_strand_id   A
#
# COMPACT_ATOMS: atom_id res chain seq x y z
N MET A 1 -6.76 10.26 15.32
CA MET A 1 -6.97 9.01 16.03
C MET A 1 -5.91 7.98 15.65
N LYS A 2 -6.06 6.77 16.18
CA LYS A 2 -5.02 5.75 16.06
C LYS A 2 -5.67 4.39 15.87
N PHE A 3 -5.25 3.67 14.84
CA PHE A 3 -5.79 2.36 14.53
C PHE A 3 -4.70 1.30 14.69
N SER A 4 -5.05 0.17 15.30
CA SER A 4 -4.14 -0.95 15.47
C SER A 4 -4.87 -2.24 15.13
N ASN A 5 -4.23 -3.09 14.33
CA ASN A 5 -4.83 -4.35 13.91
C ASN A 5 -3.75 -5.43 13.93
N SER A 6 -4.02 -6.53 14.63
CA SER A 6 -3.06 -7.61 14.74
C SER A 6 -3.54 -8.85 13.98
N TYR A 7 -2.60 -9.57 13.38
CA TYR A 7 -2.90 -10.82 12.71
C TYR A 7 -1.63 -11.65 12.60
N TYR A 8 -1.80 -12.92 12.27
CA TYR A 8 -0.70 -13.87 12.19
C TYR A 8 -0.39 -14.18 10.73
N ALA A 9 0.90 -14.16 10.40
CA ALA A 9 1.37 -14.47 9.05
C ALA A 9 2.60 -15.36 9.15
N TYR A 10 3.03 -15.88 8.00
CA TYR A 10 4.15 -16.80 7.93
C TYR A 10 5.23 -16.27 7.00
N ILE A 11 6.48 -16.53 7.36
CA ILE A 11 7.63 -16.12 6.55
C ILE A 11 8.58 -17.31 6.41
N GLU A 12 9.36 -17.28 5.34
CA GLU A 12 10.30 -18.34 5.01
C GLU A 12 11.70 -17.75 4.84
N ASN A 13 12.64 -18.63 4.53
CA ASN A 13 14.04 -18.25 4.30
C ASN A 13 14.46 -18.49 2.85
N GLN A 14 13.60 -18.17 1.89
CA GLN A 14 13.95 -18.34 0.50
C GLN A 14 15.21 -17.56 0.17
N LYS A 15 16.16 -18.21 -0.48
CA LYS A 15 17.45 -17.59 -0.75
C LYS A 15 17.30 -16.46 -1.76
N ASN A 16 18.20 -15.50 -1.66
CA ASN A 16 18.24 -14.40 -2.62
C ASN A 16 18.82 -14.90 -3.93
N ASP A 17 17.95 -15.09 -4.92
CA ASP A 17 18.38 -15.50 -6.25
C ASP A 17 19.03 -14.30 -6.94
N TYR A 18 20.30 -14.08 -6.63
CA TYR A 18 21.07 -12.92 -7.04
C TYR A 18 20.99 -12.71 -8.55
N PRO A 19 21.26 -11.47 -9.05
CA PRO A 19 21.02 -11.17 -10.47
C PRO A 19 21.48 -12.24 -11.46
N ASP A 20 20.70 -12.44 -12.50
CA ASP A 20 20.95 -13.52 -13.45
C ASP A 20 22.30 -13.33 -14.14
N ILE A 21 23.07 -14.41 -14.19
CA ILE A 21 24.37 -14.39 -14.84
C ILE A 21 24.28 -14.58 -16.35
N GLY A 22 23.14 -15.05 -16.85
CA GLY A 22 22.99 -15.37 -18.25
C GLY A 22 22.86 -14.13 -19.13
N LEU A 23 22.06 -14.29 -20.17
CA LEU A 23 21.87 -13.22 -21.14
C LEU A 23 21.31 -11.97 -20.47
N GLU A 24 21.86 -10.81 -20.84
CA GLU A 24 21.53 -9.57 -20.16
C GLU A 24 20.14 -9.09 -20.56
N ARG A 25 19.43 -8.56 -19.57
CA ARG A 25 18.11 -7.96 -19.78
C ARG A 25 18.13 -6.55 -19.19
N ASN A 26 17.58 -5.57 -19.92
CA ASN A 26 17.58 -4.21 -19.41
C ASN A 26 16.83 -4.08 -18.10
N PRO A 27 15.59 -4.60 -17.95
CA PRO A 27 15.01 -4.70 -16.60
C PRO A 27 15.36 -6.04 -15.94
N SER A 28 16.61 -6.18 -15.51
CA SER A 28 17.09 -7.43 -14.94
C SER A 28 16.40 -7.72 -13.62
N GLU A 29 15.51 -8.70 -13.62
CA GLU A 29 14.66 -8.99 -12.47
C GLU A 29 15.06 -10.31 -11.84
N TYR A 30 14.96 -10.39 -10.51
CA TYR A 30 15.32 -11.60 -9.79
C TYR A 30 14.58 -11.64 -8.47
N GLN A 31 14.47 -12.83 -7.91
CA GLN A 31 13.78 -13.04 -6.65
C GLN A 31 14.75 -12.84 -5.50
N THR A 32 14.41 -11.95 -4.57
CA THR A 32 15.25 -11.69 -3.41
C THR A 32 14.90 -12.55 -2.21
N GLY A 33 13.75 -13.24 -2.23
CA GLY A 33 13.33 -14.04 -1.11
C GLY A 33 12.91 -13.26 0.10
N TYR A 34 12.89 -11.93 0.04
CA TYR A 34 12.51 -11.12 1.18
C TYR A 34 11.00 -10.92 1.20
N HIS A 35 10.38 -11.24 2.32
CA HIS A 35 8.96 -11.00 2.46
C HIS A 35 8.69 -9.53 2.71
N ARG A 36 7.62 -9.04 2.10
CA ARG A 36 7.25 -7.62 2.17
C ARG A 36 5.98 -7.51 3.00
N ILE A 37 6.04 -6.76 4.08
CA ILE A 37 4.87 -6.51 4.91
C ILE A 37 3.91 -5.62 4.14
N PRO A 38 2.67 -6.03 3.93
CA PRO A 38 1.71 -5.18 3.21
C PRO A 38 1.38 -3.92 3.98
N ASN A 39 1.86 -2.77 3.49
CA ASN A 39 1.70 -1.51 4.21
C ASN A 39 1.38 -0.34 3.29
N GLN A 40 0.80 -0.60 2.12
CA GLN A 40 0.61 0.44 1.12
C GLN A 40 -0.83 0.93 1.04
N TYR A 41 -1.81 0.03 1.15
CA TYR A 41 -3.19 0.40 0.92
C TYR A 41 -3.96 0.51 2.23
N TRP A 42 -5.18 1.05 2.13
CA TRP A 42 -6.00 1.26 3.32
C TRP A 42 -6.36 -0.06 3.97
N ALA A 43 -6.73 -1.06 3.18
CA ALA A 43 -7.12 -2.36 3.71
C ALA A 43 -5.97 -3.07 4.40
N SER A 44 -4.73 -2.66 4.18
CA SER A 44 -3.60 -3.21 4.90
C SER A 44 -3.50 -2.69 6.32
N PHE A 45 -4.24 -1.63 6.64
CA PHE A 45 -4.20 -1.02 7.97
C PHE A 45 -5.55 -1.01 8.67
N LEU A 46 -6.65 -0.87 7.94
CA LEU A 46 -7.95 -0.57 8.54
C LEU A 46 -8.95 -1.69 8.30
N THR A 47 -9.64 -2.07 9.37
CA THR A 47 -10.86 -2.85 9.27
C THR A 47 -12.00 -1.91 8.87
N PRO A 48 -13.13 -2.45 8.41
CA PRO A 48 -14.24 -1.57 8.03
C PRO A 48 -14.70 -0.64 9.15
N LYS A 49 -14.69 -1.10 10.41
CA LYS A 49 -15.06 -0.18 11.49
C LYS A 49 -14.03 0.91 11.68
N ASP A 50 -12.75 0.61 11.46
CA ASP A 50 -11.73 1.65 11.51
C ASP A 50 -11.95 2.67 10.42
N TRP A 51 -12.28 2.22 9.21
CA TRP A 51 -12.54 3.15 8.11
C TRP A 51 -13.76 4.01 8.42
N PHE A 52 -14.82 3.40 8.96
CA PHE A 52 -16.01 4.18 9.29
C PHE A 52 -15.73 5.21 10.37
N ASN A 53 -14.97 4.82 11.40
CA ASN A 53 -14.58 5.79 12.42
C ASN A 53 -13.73 6.91 11.84
N LEU A 54 -12.92 6.59 10.83
CA LEU A 54 -12.10 7.61 10.18
C LEU A 54 -12.96 8.59 9.40
N ILE A 55 -13.90 8.07 8.60
CA ILE A 55 -14.63 8.93 7.67
C ILE A 55 -15.84 9.58 8.32
N TYR A 56 -16.57 8.85 9.16
CA TYR A 56 -17.78 9.40 9.77
C TYR A 56 -17.44 10.54 10.72
N ASN A 57 -18.24 11.60 10.65
CA ASN A 57 -18.19 12.74 11.58
C ASN A 57 -16.86 13.48 11.52
N ASN A 58 -16.11 13.32 10.44
CA ASN A 58 -14.89 14.08 10.21
C ASN A 58 -14.95 14.73 8.84
N LYS A 59 -14.52 15.99 8.77
CA LYS A 59 -14.53 16.70 7.49
C LYS A 59 -13.19 16.64 6.79
N ALA A 60 -12.12 16.32 7.51
CA ALA A 60 -10.79 16.20 6.90
C ALA A 60 -9.95 15.26 7.73
N PHE A 61 -8.95 14.66 7.08
CA PHE A 61 -8.01 13.80 7.76
C PHE A 61 -6.68 13.85 7.04
N ARG A 62 -5.61 13.49 7.77
CA ARG A 62 -4.28 13.40 7.20
C ARG A 62 -3.54 12.24 7.86
N VAL A 63 -2.74 11.53 7.07
CA VAL A 63 -1.97 10.41 7.61
C VAL A 63 -0.74 10.95 8.32
N VAL A 64 -0.59 10.58 9.59
CA VAL A 64 0.51 11.07 10.41
C VAL A 64 1.67 10.08 10.44
N GLY A 65 1.39 8.79 10.56
CA GLY A 65 2.44 7.80 10.59
C GLY A 65 1.88 6.41 10.50
N ALA A 66 2.76 5.48 10.17
CA ALA A 66 2.43 4.06 10.09
C ALA A 66 3.48 3.28 10.86
N ARG A 67 3.08 2.13 11.40
CA ARG A 67 3.97 1.32 12.19
C ARG A 67 3.55 -0.15 12.10
N CYS A 68 4.56 -1.03 12.06
CA CYS A 68 4.33 -2.46 12.04
C CYS A 68 5.27 -3.11 13.04
N THR A 69 4.73 -3.90 13.95
CA THR A 69 5.51 -4.64 14.92
C THR A 69 5.39 -6.13 14.62
N VAL A 70 6.52 -6.77 14.38
CA VAL A 70 6.57 -8.21 14.12
C VAL A 70 7.13 -8.88 15.36
N SER A 71 6.37 -9.82 15.92
CA SER A 71 6.70 -10.40 17.20
C SER A 71 6.16 -11.82 17.27
N ASN A 72 6.40 -12.48 18.41
CA ASN A 72 5.93 -13.84 18.67
C ASN A 72 6.35 -14.79 17.57
N MET A 73 7.63 -14.74 17.23
CA MET A 73 8.21 -15.59 16.20
C MET A 73 8.19 -17.05 16.62
N ILE A 74 7.42 -17.87 15.92
CA ILE A 74 7.38 -19.31 16.18
C ILE A 74 7.91 -20.04 14.95
N PRO A 75 9.18 -20.45 14.95
CA PRO A 75 9.74 -21.11 13.75
C PRO A 75 9.28 -22.55 13.64
N LEU A 76 9.10 -23.00 12.39
CA LEU A 76 8.62 -24.34 12.10
C LEU A 76 9.52 -25.00 11.06
N THR A 77 9.76 -26.30 11.21
CA THR A 77 10.51 -27.09 10.24
C THR A 77 9.68 -28.29 9.81
N GLU A 78 9.79 -28.64 8.53
CA GLU A 78 9.05 -29.76 7.96
C GLU A 78 10.02 -30.80 7.46
N GLN A 79 9.82 -32.06 7.86
CA GLN A 79 10.67 -33.17 7.41
C GLN A 79 10.06 -33.82 6.16
N ALA A 80 10.27 -33.15 5.03
CA ALA A 80 9.75 -33.62 3.75
C ALA A 80 10.49 -34.87 3.29
N THR A 87 5.22 -34.41 11.26
CA THR A 87 6.45 -34.17 10.52
C THR A 87 6.77 -32.69 10.44
N ILE A 88 6.13 -31.90 11.31
CA ILE A 88 6.29 -30.44 11.33
C ILE A 88 6.74 -30.07 12.75
N THR A 89 8.05 -29.93 12.93
CA THR A 89 8.59 -29.59 14.24
C THR A 89 8.52 -28.09 14.48
N THR A 90 8.09 -27.69 15.68
CA THR A 90 8.01 -26.29 16.07
C THR A 90 9.22 -25.83 16.86
N PHE A 91 10.40 -26.38 16.57
CA PHE A 91 11.61 -26.06 17.34
C PHE A 91 12.64 -25.37 16.45
N ASN A 92 13.08 -24.20 16.93
CA ASN A 92 14.28 -23.52 16.48
C ASN A 92 14.63 -22.42 17.49
N ASN A 93 15.90 -22.33 17.87
CA ASN A 93 16.32 -21.37 18.87
C ASN A 93 17.37 -20.40 18.34
N THR A 94 18.35 -20.87 17.57
CA THR A 94 19.46 -20.02 17.17
C THR A 94 19.13 -19.14 15.96
N ILE A 95 18.23 -19.60 15.09
CA ILE A 95 17.98 -18.86 13.86
C ILE A 95 17.24 -17.56 14.17
N TYR A 96 17.20 -16.66 13.19
CA TYR A 96 16.63 -15.34 13.37
C TYR A 96 16.14 -14.83 12.02
N ALA A 97 15.36 -13.76 12.06
CA ALA A 97 14.86 -13.13 10.85
C ALA A 97 15.63 -11.85 10.57
N LEU A 98 15.68 -11.47 9.29
CA LEU A 98 16.36 -10.25 8.86
C LEU A 98 15.31 -9.21 8.50
N CYS A 99 15.30 -8.10 9.23
CA CYS A 99 14.35 -7.02 9.01
C CYS A 99 15.08 -5.80 8.47
N TYR A 100 14.61 -5.30 7.33
CA TYR A 100 15.26 -4.18 6.66
C TYR A 100 14.21 -3.25 6.10
N THR A 101 14.39 -1.96 6.34
CA THR A 101 13.49 -0.92 5.84
C THR A 101 14.16 -0.18 4.70
N ASP A 102 13.47 -0.08 3.57
CA ASP A 102 14.02 0.56 2.38
C ASP A 102 13.63 2.04 2.36
N ASN A 103 14.29 2.80 3.23
CA ASN A 103 14.12 4.25 3.24
C ASN A 103 14.89 4.94 2.14
N ASN A 104 15.73 4.20 1.40
CA ASN A 104 16.34 4.75 0.20
C ASN A 104 15.36 4.80 -0.97
N TYR A 105 14.25 4.09 -0.87
CA TYR A 105 13.23 4.04 -1.92
C TYR A 105 13.83 3.61 -3.26
N GLU A 106 14.75 2.66 -3.22
CA GLU A 106 15.37 2.13 -4.43
C GLU A 106 14.78 0.81 -4.88
N THR A 107 13.74 0.32 -4.20
CA THR A 107 13.10 -0.94 -4.54
C THR A 107 11.75 -0.67 -5.18
N GLU A 108 11.28 -1.61 -5.98
CA GLU A 108 10.01 -1.48 -6.68
C GLU A 108 8.85 -1.38 -5.70
N TRP A 109 7.82 -0.64 -6.08
CA TRP A 109 6.65 -0.50 -5.23
C TRP A 109 5.87 -1.81 -5.16
N GLU A 110 5.12 -1.97 -4.08
CA GLU A 110 4.40 -3.21 -3.82
C GLU A 110 3.37 -3.48 -4.91
N GLU A 111 3.36 -4.71 -5.41
CA GLU A 111 2.35 -5.11 -6.37
C GLU A 111 0.98 -5.14 -5.69
N PRO A 112 -0.08 -4.80 -6.42
CA PRO A 112 -1.41 -4.75 -5.81
C PRO A 112 -1.82 -6.09 -5.23
N ALA A 113 -2.44 -6.05 -4.06
CA ALA A 113 -2.90 -7.27 -3.41
C ALA A 113 -4.29 -7.63 -3.91
N ALA A 114 -4.49 -8.90 -4.23
CA ALA A 114 -5.77 -9.40 -4.72
C ALA A 114 -6.55 -9.96 -3.55
N ARG A 115 -7.44 -9.15 -2.97
CA ARG A 115 -8.25 -9.53 -1.82
C ARG A 115 -7.36 -10.03 -0.68
N ASP A 116 -6.58 -9.11 -0.13
CA ASP A 116 -5.67 -9.46 0.96
C ASP A 116 -6.46 -9.94 2.17
N LEU A 117 -7.43 -9.14 2.64
CA LEU A 117 -8.42 -9.55 3.63
C LEU A 117 -7.83 -10.34 4.79
N SER A 118 -6.63 -9.92 5.21
CA SER A 118 -5.96 -10.60 6.32
C SER A 118 -6.60 -10.31 7.67
N PHE A 119 -7.54 -9.37 7.74
CA PHE A 119 -8.17 -9.00 9.00
C PHE A 119 -9.44 -9.79 9.30
N MET A 120 -10.10 -10.37 8.29
CA MET A 120 -11.24 -11.21 8.58
C MET A 120 -10.79 -12.58 9.09
N TRP A 121 -9.64 -13.06 8.59
CA TRP A 121 -9.01 -14.30 9.05
C TRP A 121 -7.67 -13.93 9.67
N ARG A 122 -7.63 -13.78 10.98
CA ARG A 122 -6.42 -13.39 11.68
C ARG A 122 -5.68 -14.55 12.31
N GLU A 123 -6.14 -15.78 12.12
CA GLU A 123 -5.49 -16.92 12.74
C GLU A 123 -4.27 -17.40 11.96
N GLY A 124 -4.03 -16.86 10.77
CA GLY A 124 -2.96 -17.33 9.92
C GLY A 124 -3.40 -18.23 8.80
N LEU A 125 -4.70 -18.51 8.67
CA LEU A 125 -5.24 -19.35 7.61
C LEU A 125 -6.37 -18.57 6.92
N THR A 126 -6.03 -17.84 5.86
CA THR A 126 -7.01 -17.03 5.17
C THR A 126 -7.78 -17.88 4.17
N ASN A 127 -9.04 -18.15 4.51
CA ASN A 127 -9.95 -18.93 3.64
C ASN A 127 -9.34 -20.29 3.29
N GLY A 128 -8.88 -21.00 4.31
CA GLY A 128 -8.29 -22.30 4.11
C GLY A 128 -6.98 -22.30 3.34
N ALA A 129 -6.15 -21.27 3.55
CA ALA A 129 -4.84 -21.20 2.92
C ALA A 129 -3.91 -20.44 3.86
N ARG A 130 -2.71 -20.98 4.04
CA ARG A 130 -1.75 -20.37 4.96
C ARG A 130 -1.40 -18.96 4.52
N HIS A 131 -1.44 -18.03 5.47
CA HIS A 131 -1.17 -16.63 5.16
C HIS A 131 0.31 -16.36 5.07
N MET A 132 0.95 -16.83 4.00
CA MET A 132 2.35 -16.56 3.78
C MET A 132 2.53 -15.16 3.19
N LEU A 133 3.46 -14.39 3.76
CA LEU A 133 3.66 -13.03 3.31
C LEU A 133 4.21 -13.02 1.89
N PRO A 134 3.87 -12.00 1.10
CA PRO A 134 4.35 -11.95 -0.30
C PRO A 134 5.83 -11.63 -0.35
N THR A 135 6.54 -12.30 -1.26
CA THR A 135 7.97 -12.08 -1.43
C THR A 135 8.21 -10.94 -2.42
N TYR A 136 9.40 -10.36 -2.36
CA TYR A 136 9.77 -9.24 -3.20
C TYR A 136 10.68 -9.71 -4.33
N LYS A 137 10.29 -9.39 -5.56
CA LYS A 137 11.10 -9.66 -6.74
C LYS A 137 11.70 -8.33 -7.20
N HIS A 138 13.03 -8.22 -7.12
CA HIS A 138 13.69 -6.96 -7.42
C HIS A 138 14.09 -6.91 -8.89
N GLY A 139 13.94 -5.75 -9.49
CA GLY A 139 14.35 -5.53 -10.86
C GLY A 139 15.37 -4.41 -10.93
N ILE A 140 16.37 -4.59 -11.79
CA ILE A 140 17.44 -3.62 -11.98
C ILE A 140 17.19 -2.94 -13.31
N TYR A 141 16.87 -1.65 -13.25
CA TYR A 141 16.60 -0.84 -14.44
C TYR A 141 17.74 0.16 -14.61
N ARG A 142 18.54 -0.03 -15.66
CA ARG A 142 19.42 1.03 -16.12
C ARG A 142 18.74 1.79 -17.26
N THR A 143 19.25 2.97 -17.55
CA THR A 143 18.69 3.71 -18.68
C THR A 143 19.10 3.02 -19.99
N THR A 144 18.32 3.30 -21.03
CA THR A 144 18.50 2.58 -22.30
C THR A 144 19.88 2.86 -22.91
N THR A 145 20.33 4.12 -22.84
CA THR A 145 21.55 4.51 -23.54
C THR A 145 22.79 3.92 -22.86
N SER A 146 22.78 3.84 -21.53
CA SER A 146 23.96 3.39 -20.82
C SER A 146 24.28 1.94 -21.13
N GLN A 147 25.56 1.59 -21.06
CA GLN A 147 26.03 0.24 -21.33
C GLN A 147 26.44 -0.50 -20.06
N ALA A 148 26.01 -0.03 -18.89
CA ALA A 148 26.36 -0.69 -17.65
C ALA A 148 25.70 -2.06 -17.57
N HIS A 149 26.41 -3.03 -17.00
CA HIS A 149 25.83 -4.34 -16.78
C HIS A 149 25.00 -4.33 -15.50
N ASN A 150 23.73 -4.73 -15.62
CA ASN A 150 22.83 -4.67 -14.47
C ASN A 150 23.21 -5.70 -13.41
N VAL A 151 23.96 -6.73 -13.80
CA VAL A 151 24.30 -7.85 -12.91
C VAL A 151 25.09 -7.33 -11.71
N PHE A 152 25.83 -6.25 -11.90
CA PHE A 152 26.67 -5.72 -10.82
C PHE A 152 25.90 -4.88 -9.84
N TYR A 153 24.67 -4.47 -10.16
CA TYR A 153 23.93 -3.51 -9.36
C TYR A 153 22.75 -4.15 -8.62
N GLY A 154 22.85 -5.43 -8.28
CA GLY A 154 21.81 -6.10 -7.54
C GLY A 154 21.60 -5.51 -6.15
N TRP A 155 20.35 -5.21 -5.82
CA TRP A 155 20.02 -4.69 -4.50
C TRP A 155 20.13 -5.81 -3.47
N ASP A 156 20.77 -5.51 -2.34
CA ASP A 156 20.95 -6.47 -1.27
C ASP A 156 21.12 -5.73 0.04
N PRO A 157 20.22 -5.92 1.02
CA PRO A 157 20.37 -5.24 2.31
C PRO A 157 21.62 -5.66 3.08
N LEU A 158 22.20 -6.82 2.78
CA LEU A 158 23.45 -7.19 3.43
C LEU A 158 24.58 -6.23 3.08
N CYS A 159 24.45 -5.50 1.97
CA CYS A 159 25.38 -4.41 1.68
C CYS A 159 25.23 -3.27 2.68
N LYS A 160 24.08 -3.17 3.34
CA LYS A 160 23.82 -2.21 4.41
C LYS A 160 23.47 -2.95 5.69
N ALA A 161 24.11 -4.11 5.90
CA ALA A 161 23.85 -4.95 7.07
C ALA A 161 23.95 -4.21 8.39
N GLU A 162 24.59 -3.04 8.42
CA GLU A 162 24.59 -2.25 9.65
C GLU A 162 23.21 -1.71 9.98
N ASN A 163 22.30 -1.65 8.99
CA ASN A 163 20.94 -1.18 9.20
C ASN A 163 19.93 -2.32 9.32
N ILE A 164 20.38 -3.58 9.26
CA ILE A 164 19.45 -4.70 9.35
C ILE A 164 19.17 -5.01 10.81
N LEU A 165 17.89 -5.01 11.19
CA LEU A 165 17.46 -5.47 12.50
C LEU A 165 17.11 -6.94 12.44
N GLU A 166 17.37 -7.65 13.53
CA GLU A 166 17.12 -9.09 13.60
C GLU A 166 16.01 -9.37 14.60
N LEU A 167 15.19 -10.38 14.29
CA LEU A 167 14.09 -10.79 15.13
C LEU A 167 14.37 -12.20 15.63
N ARG A 168 14.68 -12.32 16.92
CA ARG A 168 14.88 -13.62 17.52
C ARG A 168 13.53 -14.27 17.84
N PRO A 169 13.47 -15.59 17.87
CA PRO A 169 12.21 -16.27 18.20
C PRO A 169 11.83 -16.04 19.66
N GLY A 170 10.55 -16.25 19.95
CA GLY A 170 10.07 -16.08 21.31
C GLY A 170 9.52 -14.68 21.55
N LYS A 171 9.62 -14.25 22.81
CA LYS A 171 9.11 -12.95 23.24
C LYS A 171 10.07 -11.84 22.79
N ASN A 172 10.05 -11.59 21.48
CA ASN A 172 10.86 -10.56 20.87
C ASN A 172 10.01 -9.80 19.85
N ALA A 173 10.40 -8.56 19.57
CA ALA A 173 9.62 -7.73 18.67
C ALA A 173 10.55 -6.81 17.87
N VAL A 174 10.29 -6.70 16.59
CA VAL A 174 10.98 -5.76 15.71
C VAL A 174 9.93 -4.84 15.09
N THR A 175 10.18 -3.53 15.17
CA THR A 175 9.22 -2.52 14.80
C THR A 175 9.68 -1.78 13.54
N PHE A 176 8.79 -1.68 12.56
CA PHE A 176 8.98 -0.80 11.42
C PHE A 176 8.19 0.48 11.67
N GLU A 177 8.80 1.62 11.35
CA GLU A 177 8.20 2.91 11.67
C GLU A 177 8.31 3.83 10.48
N TRP A 178 7.24 4.60 10.25
CA TRP A 178 7.22 5.62 9.21
C TRP A 178 6.48 6.84 9.75
N HIS A 179 7.04 8.03 9.52
CA HIS A 179 6.45 9.28 9.94
C HIS A 179 6.28 10.18 8.73
N ALA A 180 5.09 10.76 8.60
CA ALA A 180 4.85 11.70 7.50
C ALA A 180 5.62 12.99 7.74
N LYS A 181 6.42 13.37 6.76
CA LYS A 181 7.18 14.62 6.82
C LYS A 181 6.46 15.78 6.15
N GLU A 182 5.20 15.60 5.78
CA GLU A 182 4.40 16.64 5.16
C GLU A 182 2.95 16.49 5.61
N GLU A 183 2.23 17.60 5.69
CA GLU A 183 0.83 17.60 6.10
C GLU A 183 -0.04 17.60 4.86
N ILE A 184 -0.62 16.46 4.56
CA ILE A 184 -1.49 16.30 3.40
C ILE A 184 -2.88 16.02 3.94
N TRP A 185 -3.65 17.09 4.11
CA TRP A 185 -5.02 16.96 4.60
C TRP A 185 -5.96 16.63 3.45
N LEU A 186 -6.80 15.63 3.66
CA LEU A 186 -7.75 15.17 2.66
C LEU A 186 -9.17 15.31 3.19
N ASN A 187 -10.06 15.85 2.36
CA ASN A 187 -11.47 15.90 2.71
C ASN A 187 -12.04 14.49 2.80
N THR A 188 -13.04 14.32 3.65
CA THR A 188 -13.78 13.06 3.69
C THR A 188 -14.98 13.06 2.76
N HIS A 189 -15.19 14.15 2.03
CA HIS A 189 -16.31 14.28 1.10
C HIS A 189 -15.80 14.13 -0.31
N MET A 190 -16.58 13.46 -1.15
CA MET A 190 -16.18 13.11 -2.50
C MET A 190 -16.64 14.11 -3.55
N MET A 191 -17.05 15.31 -3.14
CA MET A 191 -17.72 16.21 -4.08
C MET A 191 -17.60 17.65 -3.60
N GLN A 192 -17.45 18.56 -4.55
CA GLN A 192 -17.23 19.98 -4.29
C GLN A 192 -17.98 20.83 -5.31
N GLN A 193 -18.17 22.09 -4.96
CA GLN A 193 -18.86 23.04 -5.83
C GLN A 193 -17.88 23.72 -6.77
N PHE A 194 -18.41 24.29 -7.86
CA PHE A 194 -17.62 25.12 -8.74
C PHE A 194 -17.92 26.60 -8.51
N ASP A 195 -17.00 27.45 -8.94
CA ASP A 195 -17.29 28.88 -9.00
C ASP A 195 -18.36 29.15 -10.04
N PRO A 196 -19.39 29.93 -9.72
CA PRO A 196 -20.36 30.31 -10.75
C PRO A 196 -19.72 31.06 -11.91
N THR A 197 -18.66 31.82 -11.66
CA THR A 197 -17.98 32.55 -12.72
C THR A 197 -17.04 31.68 -13.53
N HIS A 198 -16.60 30.54 -12.97
CA HIS A 198 -15.60 29.69 -13.59
C HIS A 198 -16.09 28.24 -13.57
N THR A 199 -17.33 28.04 -14.02
CA THR A 199 -18.02 26.78 -13.95
C THR A 199 -18.01 26.07 -15.31
N PRO A 200 -17.97 24.73 -15.30
CA PRO A 200 -18.09 23.99 -16.57
C PRO A 200 -19.53 23.89 -17.05
N GLY A 201 -20.51 24.12 -16.19
CA GLY A 201 -21.91 24.04 -16.57
C GLY A 201 -22.46 25.34 -17.09
N ILE A 202 -23.71 25.62 -16.75
CA ILE A 202 -24.34 26.86 -17.15
C ILE A 202 -23.62 28.03 -16.49
N ALA A 203 -23.33 29.06 -17.28
CA ALA A 203 -22.62 30.22 -16.76
C ALA A 203 -23.43 30.92 -15.68
N ASN A 204 -22.73 31.39 -14.65
CA ASN A 204 -23.34 32.05 -13.50
C ASN A 204 -24.38 31.18 -12.81
N THR A 205 -24.15 29.87 -12.80
CA THR A 205 -25.05 28.91 -12.17
C THR A 205 -24.21 27.87 -11.45
N ALA A 206 -24.84 27.16 -10.53
CA ALA A 206 -24.15 26.25 -9.62
C ALA A 206 -24.18 24.82 -10.16
N THR A 207 -23.00 24.22 -10.30
CA THR A 207 -22.87 22.80 -10.62
C THR A 207 -21.83 22.20 -9.70
N VAL A 208 -21.93 20.88 -9.51
CA VAL A 208 -21.07 20.17 -8.57
C VAL A 208 -20.40 19.02 -9.30
N TYR A 209 -19.08 18.90 -9.11
CA TYR A 209 -18.38 17.69 -9.51
C TYR A 209 -18.31 16.72 -8.35
N SER A 210 -18.58 15.45 -8.63
CA SER A 210 -18.59 14.42 -7.59
C SER A 210 -17.77 13.22 -8.05
N GLN A 211 -16.70 12.92 -7.33
CA GLN A 211 -16.05 11.62 -7.45
C GLN A 211 -17.03 10.57 -6.94
N GLU A 212 -17.42 9.63 -7.81
CA GLU A 212 -18.45 8.70 -7.42
C GLU A 212 -17.98 7.79 -6.28
N ILE A 213 -18.88 6.92 -5.82
CA ILE A 213 -18.66 6.19 -4.58
C ILE A 213 -17.42 5.29 -4.67
N HIS A 214 -17.34 4.49 -5.73
CA HIS A 214 -16.14 3.68 -6.06
C HIS A 214 -15.75 2.81 -4.88
N ASN A 215 -14.47 2.72 -4.52
CA ASN A 215 -13.99 1.83 -3.47
C ASN A 215 -12.56 2.24 -3.13
N GLN A 216 -12.25 2.25 -1.84
CA GLN A 216 -10.96 2.76 -1.35
C GLN A 216 -10.15 1.74 -0.56
N THR A 217 -10.54 0.46 -0.61
CA THR A 217 -9.77 -0.54 0.13
C THR A 217 -8.37 -0.70 -0.45
N HIS A 218 -8.25 -0.65 -1.77
CA HIS A 218 -6.98 -0.84 -2.45
C HIS A 218 -6.30 0.47 -2.82
N SER A 219 -6.86 1.60 -2.40
CA SER A 219 -6.23 2.89 -2.66
C SER A 219 -5.08 3.12 -1.69
N ASN A 220 -4.00 3.70 -2.20
CA ASN A 220 -2.82 3.94 -1.36
C ASN A 220 -3.17 4.89 -0.23
N VAL A 221 -2.72 4.55 0.98
CA VAL A 221 -2.77 5.49 2.08
C VAL A 221 -1.85 6.67 1.83
N THR A 222 -0.77 6.46 1.08
CA THR A 222 0.11 7.53 0.62
C THR A 222 0.26 7.39 -0.89
N PRO A 223 -0.49 8.19 -1.69
CA PRO A 223 -0.53 7.97 -3.14
C PRO A 223 0.81 8.08 -3.85
N HIS A 224 1.56 9.16 -3.60
CA HIS A 224 2.93 9.36 -4.10
C HIS A 224 3.04 9.18 -5.61
N SER A 225 1.98 9.49 -6.36
CA SER A 225 2.02 9.37 -7.81
C SER A 225 2.43 10.70 -8.45
N HIS A 226 3.64 11.15 -8.09
CA HIS A 226 4.14 12.43 -8.61
C HIS A 226 4.65 12.29 -10.04
N LEU A 227 5.24 11.15 -10.38
CA LEU A 227 5.86 10.99 -11.69
C LEU A 227 4.84 11.14 -12.82
N ASN A 228 3.62 10.66 -12.61
CA ASN A 228 2.60 10.69 -13.65
C ASN A 228 2.31 12.12 -14.09
N ARG A 229 2.21 13.04 -13.13
CA ARG A 229 2.03 14.44 -13.47
C ARG A 229 3.26 15.05 -14.12
N TRP A 230 4.45 14.53 -13.81
CA TRP A 230 5.69 15.08 -14.35
C TRP A 230 5.90 14.65 -15.80
N ILE A 231 5.33 13.52 -16.21
CA ILE A 231 5.53 13.05 -17.57
C ILE A 231 5.00 14.06 -18.57
N SER A 232 3.82 14.62 -18.31
CA SER A 232 3.25 15.63 -19.19
C SER A 232 3.97 16.96 -19.11
N GLN A 233 4.89 17.13 -18.16
CA GLN A 233 5.63 18.38 -18.01
C GLN A 233 7.07 18.28 -18.51
N THR A 234 7.63 17.08 -18.64
CA THR A 234 9.03 17.01 -19.01
C THR A 234 9.31 16.20 -20.27
N ASP A 235 8.44 15.25 -20.61
CA ASP A 235 8.69 14.40 -21.78
C ASP A 235 8.32 15.15 -23.05
N THR A 236 9.31 15.37 -23.92
CA THR A 236 9.11 16.10 -25.16
C THR A 236 8.90 15.17 -26.35
N ALA A 237 8.28 14.01 -26.12
CA ALA A 237 7.98 13.10 -27.22
C ALA A 237 6.89 13.71 -28.11
N PRO A 238 6.85 13.33 -29.39
CA PRO A 238 5.80 13.84 -30.27
C PRO A 238 4.42 13.37 -29.83
N ALA A 239 3.39 14.03 -30.37
CA ALA A 239 2.02 13.77 -29.95
C ALA A 239 1.57 12.35 -30.26
N THR A 240 2.26 11.65 -31.16
CA THR A 240 1.90 10.29 -31.51
C THR A 240 2.53 9.26 -30.60
N ALA A 241 3.20 9.68 -29.53
CA ALA A 241 3.86 8.75 -28.62
C ALA A 241 2.82 7.92 -27.88
N ARG A 242 3.25 6.72 -27.46
CA ARG A 242 2.33 5.78 -26.83
C ARG A 242 1.83 6.29 -25.49
N HIS A 243 2.69 6.93 -24.70
CA HIS A 243 2.35 7.28 -23.33
C HIS A 243 1.39 8.46 -23.23
N TRP A 244 1.20 9.23 -24.30
CA TRP A 244 0.29 10.36 -24.22
C TRP A 244 -1.16 9.94 -24.16
N SER A 245 -1.50 8.77 -24.69
CA SER A 245 -2.86 8.27 -24.64
C SER A 245 -3.12 7.37 -23.43
N LYS A 246 -2.09 7.06 -22.65
CA LYS A 246 -2.28 6.25 -21.45
C LYS A 246 -3.06 7.02 -20.39
N GLN A 247 -3.98 6.34 -19.72
CA GLN A 247 -4.81 7.01 -18.72
C GLN A 247 -3.99 7.46 -17.53
N ALA A 248 -2.93 6.72 -17.19
CA ALA A 248 -2.09 7.08 -16.06
C ALA A 248 -1.41 8.44 -16.28
N ILE A 249 -0.91 8.66 -17.49
CA ILE A 249 -0.27 9.94 -17.81
C ILE A 249 -1.32 11.04 -17.93
N GLN A 250 -2.44 10.76 -18.60
CA GLN A 250 -3.46 11.77 -18.82
C GLN A 250 -4.06 12.25 -17.50
N ARG A 251 -4.36 11.31 -16.61
CA ARG A 251 -4.99 11.62 -15.32
C ARG A 251 -4.04 11.13 -14.23
N PRO A 252 -3.13 11.98 -13.77
CA PRO A 252 -2.11 11.53 -12.82
C PRO A 252 -2.65 11.37 -11.40
N GLY A 253 -3.57 12.24 -11.03
CA GLY A 253 -4.07 12.30 -9.66
C GLY A 253 -3.82 13.70 -9.15
N ILE A 254 -4.55 14.08 -8.10
CA ILE A 254 -4.45 15.41 -7.53
C ILE A 254 -3.05 15.64 -6.99
N MET A 255 -2.46 16.80 -7.31
CA MET A 255 -1.12 17.11 -6.82
C MET A 255 -1.08 17.20 -5.30
N GLU A 256 -2.06 17.88 -4.70
CA GLU A 256 -2.10 18.06 -3.25
C GLU A 256 -2.49 16.79 -2.52
N GLN A 257 -2.56 15.65 -3.21
CA GLN A 257 -2.96 14.38 -2.64
C GLN A 257 -1.81 13.40 -2.53
N GLN A 258 -0.75 13.59 -3.32
CA GLN A 258 0.37 12.66 -3.37
C GLN A 258 1.41 13.00 -2.32
N PHE A 259 1.99 11.96 -1.73
CA PHE A 259 3.03 12.13 -0.71
C PHE A 259 4.40 12.21 -1.36
N ARG A 260 5.23 13.13 -0.85
CA ARG A 260 6.60 13.24 -1.34
C ARG A 260 7.47 12.17 -0.70
N TYR A 261 7.16 11.78 0.53
CA TYR A 261 7.88 10.74 1.27
C TYR A 261 6.86 9.72 1.73
N PRO A 262 6.43 8.82 0.86
CA PRO A 262 5.40 7.86 1.22
C PRO A 262 5.95 6.77 2.13
N ILE A 263 5.10 5.79 2.42
CA ILE A 263 5.49 4.66 3.26
C ILE A 263 6.42 3.76 2.47
N PRO A 264 7.63 3.50 2.96
CA PRO A 264 8.57 2.67 2.21
C PRO A 264 8.22 1.20 2.33
N ASN A 265 8.95 0.38 1.55
CA ASN A 265 8.81 -1.06 1.65
C ASN A 265 9.49 -1.57 2.91
N TRP A 266 8.80 -2.45 3.63
CA TRP A 266 9.33 -3.08 4.84
C TRP A 266 9.61 -4.53 4.54
N PHE A 267 10.86 -4.96 4.72
CA PHE A 267 11.31 -6.28 4.31
C PHE A 267 11.64 -7.12 5.53
N ILE A 268 11.15 -8.35 5.55
CA ILE A 268 11.48 -9.32 6.58
C ILE A 268 11.76 -10.65 5.90
N LYS A 269 12.66 -11.44 6.51
CA LYS A 269 13.13 -12.66 5.87
C LYS A 269 13.78 -13.54 6.91
N MET A 270 13.42 -14.81 6.92
CA MET A 270 14.13 -15.80 7.73
C MET A 270 15.55 -15.95 7.21
N ILE A 271 16.49 -16.23 8.11
CA ILE A 271 17.87 -16.38 7.67
C ILE A 271 18.00 -17.63 6.79
N PRO A 272 18.50 -17.52 5.57
CA PRO A 272 18.65 -18.70 4.73
C PRO A 272 19.84 -19.54 5.14
N LEU A 273 19.67 -20.85 5.12
CA LEU A 273 20.70 -21.80 5.50
C LEU A 273 20.81 -22.87 4.42
N PHE A 274 22.03 -23.31 4.16
CA PHE A 274 22.29 -24.26 3.09
C PHE A 274 23.04 -25.47 3.64
N ASP A 275 22.75 -26.63 3.07
CA ASP A 275 23.34 -27.89 3.50
C ASP A 275 24.51 -28.25 2.60
N SER A 276 25.06 -29.45 2.80
CA SER A 276 26.24 -29.87 2.05
C SER A 276 25.95 -30.02 0.56
N GLN A 277 24.73 -30.42 0.20
CA GLN A 277 24.34 -30.55 -1.20
C GLN A 277 23.95 -29.22 -1.83
N ASN A 278 24.30 -28.10 -1.20
CA ASN A 278 24.02 -26.77 -1.73
C ASN A 278 22.53 -26.54 -1.92
N ASN A 279 21.72 -27.12 -1.03
CA ASN A 279 20.28 -26.95 -1.04
C ASN A 279 19.84 -26.17 0.18
N LEU A 280 18.92 -25.23 -0.03
CA LEU A 280 18.38 -24.44 1.07
C LEU A 280 17.54 -25.32 1.98
N ILE A 281 17.82 -25.27 3.27
CA ILE A 281 16.96 -25.96 4.24
C ILE A 281 15.86 -25.00 4.68
N LYS A 282 14.61 -25.41 4.50
CA LYS A 282 13.49 -24.49 4.64
C LYS A 282 13.08 -24.37 6.09
N THR A 283 13.04 -23.14 6.59
CA THR A 283 12.58 -22.85 7.95
C THR A 283 11.48 -21.79 7.88
N THR A 284 10.24 -22.21 8.10
CA THR A 284 9.11 -21.30 8.15
C THR A 284 8.88 -20.86 9.58
N ALA A 285 8.32 -19.66 9.73
CA ALA A 285 8.05 -19.11 11.05
C ALA A 285 6.75 -18.36 11.06
N GLN A 286 5.97 -18.54 12.13
CA GLN A 286 4.78 -17.74 12.34
C GLN A 286 5.14 -16.48 13.13
N VAL A 287 4.57 -15.36 12.73
CA VAL A 287 4.86 -14.07 13.34
C VAL A 287 3.54 -13.33 13.59
N LEU A 288 3.49 -12.63 14.72
CA LEU A 288 2.35 -11.79 15.03
C LEU A 288 2.61 -10.39 14.48
N ILE A 289 1.88 -10.03 13.42
CA ILE A 289 2.04 -8.74 12.76
C ILE A 289 0.98 -7.80 13.32
N THR A 290 1.43 -6.66 13.86
CA THR A 290 0.54 -5.66 14.42
C THR A 290 0.67 -4.39 13.59
N MET A 291 -0.22 -4.24 12.62
CA MET A 291 -0.20 -3.06 11.75
C MET A 291 -0.90 -1.90 12.46
N GLU A 292 -0.21 -0.76 12.54
CA GLU A 292 -0.72 0.40 13.24
C GLU A 292 -0.61 1.64 12.37
N LEU A 293 -1.67 2.42 12.33
CA LEU A 293 -1.74 3.64 11.54
C LEU A 293 -2.28 4.78 12.39
N THR A 294 -1.61 5.93 12.32
CA THR A 294 -2.04 7.13 13.03
C THR A 294 -2.52 8.15 12.03
N VAL A 295 -3.76 8.61 12.20
CA VAL A 295 -4.38 9.57 11.29
C VAL A 295 -4.93 10.73 12.12
N ASP A 296 -4.50 11.95 11.80
CA ASP A 296 -5.09 13.13 12.39
C ASP A 296 -6.41 13.45 11.70
N THR A 297 -7.39 13.89 12.49
CA THR A 297 -8.71 14.17 11.98
C THR A 297 -9.22 15.50 12.52
N ILE A 298 -10.06 16.17 11.73
CA ILE A 298 -10.76 17.37 12.15
C ILE A 298 -12.24 17.04 12.24
N PRO A 299 -12.89 17.19 13.40
CA PRO A 299 -14.29 16.82 13.53
C PRO A 299 -15.19 17.67 12.64
N GLN A 300 -16.30 17.06 12.23
CA GLN A 300 -17.26 17.66 11.31
C GLN A 300 -18.42 18.25 12.10
N SER A 301 -18.79 19.49 11.77
CA SER A 301 -19.82 20.23 12.50
C SER A 301 -20.78 20.90 11.52
N LEU A 302 -21.28 20.12 10.57
CA LEU A 302 -22.19 20.64 9.56
C LEU A 302 -23.50 21.11 10.18
N ALA A 303 -24.12 22.10 9.54
CA ALA A 303 -25.39 22.65 10.00
C ALA A 303 -26.57 21.90 9.38
N ILE A 304 -26.66 20.62 9.72
CA ILE A 304 -27.69 19.74 9.21
C ILE A 304 -28.24 18.91 10.38
N ASN A 305 -29.37 18.25 10.13
CA ASN A 305 -29.99 17.41 11.15
C ASN A 305 -29.61 15.94 10.98
N MET A 306 -29.28 15.52 9.77
CA MET A 306 -29.00 14.13 9.52
C MET A 306 -27.52 13.85 9.65
N PRO A 307 -27.12 12.63 10.00
CA PRO A 307 -25.72 12.24 9.88
C PRO A 307 -25.46 11.60 8.51
N ILE A 308 -24.24 11.79 8.03
CA ILE A 308 -23.83 11.25 6.73
C ILE A 308 -23.18 9.90 7.02
N ILE A 309 -23.99 8.85 6.98
CA ILE A 309 -23.57 7.53 7.42
C ILE A 309 -23.71 6.46 6.34
N ASP A 310 -24.61 6.63 5.38
CA ASP A 310 -24.86 5.58 4.41
C ASP A 310 -23.81 5.61 3.30
N ASP A 311 -23.66 4.45 2.64
CA ASP A 311 -22.79 4.28 1.47
C ASP A 311 -21.31 4.42 1.81
N ILE A 312 -20.98 4.65 3.08
CA ILE A 312 -19.57 4.76 3.46
C ILE A 312 -18.88 3.41 3.36
N ILE A 313 -19.55 2.36 3.84
CA ILE A 313 -19.06 1.00 3.71
C ILE A 313 -20.20 0.12 3.20
N ALA A 314 -19.88 -0.78 2.29
CA ALA A 314 -20.87 -1.69 1.72
C ALA A 314 -20.30 -3.09 1.72
N PRO A 315 -20.57 -3.87 2.77
CA PRO A 315 -20.10 -5.26 2.81
C PRO A 315 -20.85 -6.10 1.78
N ASN A 316 -20.10 -6.67 0.85
CA ASN A 316 -20.67 -7.53 -0.19
C ASN A 316 -20.38 -8.98 0.14
N HIS A 317 -21.44 -9.79 0.19
CA HIS A 317 -21.27 -11.23 0.35
C HIS A 317 -22.33 -11.94 -0.48
N THR A 318 -21.90 -12.93 -1.23
CA THR A 318 -22.78 -13.82 -1.96
C THR A 318 -22.46 -15.25 -1.56
N PRO A 319 -23.43 -16.17 -1.62
CA PRO A 319 -23.18 -17.54 -1.17
C PRO A 319 -21.98 -18.16 -1.87
N ASN A 320 -21.10 -18.75 -1.06
CA ASN A 320 -19.89 -19.47 -1.50
C ASN A 320 -18.84 -18.55 -2.11
N SER A 321 -19.04 -17.23 -2.05
CA SER A 321 -18.02 -16.31 -2.51
C SER A 321 -17.40 -15.57 -1.32
N VAL A 322 -16.12 -15.26 -1.46
CA VAL A 322 -15.35 -14.65 -0.37
C VAL A 322 -15.93 -13.27 -0.07
N PRO A 323 -16.36 -13.01 1.16
CA PRO A 323 -16.94 -11.71 1.49
C PRO A 323 -15.88 -10.61 1.51
N TYR A 324 -16.33 -9.39 1.26
CA TYR A 324 -15.46 -8.22 1.30
C TYR A 324 -16.31 -6.98 1.56
N CYS A 325 -15.69 -5.97 2.16
CA CYS A 325 -16.34 -4.72 2.48
C CYS A 325 -15.59 -3.59 1.79
N MET A 326 -16.33 -2.69 1.14
CA MET A 326 -15.71 -1.61 0.41
C MET A 326 -15.57 -0.37 1.27
N PHE A 327 -14.49 0.37 1.06
CA PHE A 327 -14.24 1.62 1.77
C PHE A 327 -14.63 2.78 0.86
N ARG A 328 -15.47 3.67 1.37
CA ARG A 328 -15.96 4.79 0.58
C ARG A 328 -16.04 6.04 1.44
N TYR A 329 -16.19 7.18 0.77
CA TYR A 329 -16.24 8.47 1.45
C TYR A 329 -17.68 8.94 1.63
N GLN A 330 -17.84 10.14 2.16
CA GLN A 330 -19.16 10.69 2.42
C GLN A 330 -19.79 11.19 1.12
N PRO A 331 -20.91 10.61 0.69
CA PRO A 331 -21.48 10.94 -0.63
C PRO A 331 -22.60 11.97 -0.66
N ILE A 332 -22.94 12.61 0.45
CA ILE A 332 -24.21 13.33 0.55
C ILE A 332 -24.05 14.83 0.33
N ILE A 333 -23.13 15.48 1.02
CA ILE A 333 -23.06 16.94 1.04
C ILE A 333 -21.69 17.37 0.52
N PRO A 334 -21.63 18.30 -0.43
CA PRO A 334 -20.31 18.80 -0.88
C PRO A 334 -19.80 19.91 0.01
N ILE A 335 -18.50 19.85 0.33
CA ILE A 335 -17.80 20.93 1.00
C ILE A 335 -16.83 21.54 0.00
N ASN A 336 -16.87 22.86 -0.14
CA ASN A 336 -16.17 23.56 -1.20
C ASN A 336 -14.75 23.96 -0.82
N VAL A 337 -14.22 23.39 0.26
CA VAL A 337 -12.85 23.64 0.70
C VAL A 337 -12.20 22.33 1.07
N GLY A 338 -10.92 22.20 0.72
CA GLY A 338 -10.20 20.96 0.90
C GLY A 338 -10.01 20.26 -0.43
N VAL A 339 -9.22 19.20 -0.39
CA VAL A 339 -8.84 18.46 -1.58
C VAL A 339 -9.59 17.13 -1.61
N LEU A 340 -10.09 16.77 -2.78
CA LEU A 340 -10.81 15.52 -2.93
C LEU A 340 -9.88 14.35 -2.62
N PRO A 341 -10.34 13.35 -1.87
CA PRO A 341 -9.43 12.30 -1.38
C PRO A 341 -9.20 11.16 -2.35
N ALA A 342 -10.16 10.87 -3.22
CA ALA A 342 -10.13 9.65 -3.99
C ALA A 342 -9.10 9.73 -5.12
N PRO A 343 -8.49 8.60 -5.47
CA PRO A 343 -7.59 8.56 -6.63
C PRO A 343 -8.36 8.79 -7.92
N PRO A 344 -7.67 9.01 -9.04
CA PRO A 344 -8.38 9.29 -10.29
C PRO A 344 -9.31 8.17 -10.69
N THR A 345 -10.60 8.50 -10.77
CA THR A 345 -11.63 7.54 -11.17
C THR A 345 -12.78 8.33 -11.77
N LYS A 346 -13.57 7.65 -12.61
CA LYS A 346 -14.63 8.30 -13.36
C LYS A 346 -15.65 8.97 -12.45
N GLY A 347 -15.69 10.30 -12.48
CA GLY A 347 -16.61 11.08 -11.69
C GLY A 347 -17.81 11.54 -12.48
N VAL A 348 -18.70 12.26 -11.79
CA VAL A 348 -19.93 12.75 -12.37
C VAL A 348 -20.07 14.23 -12.06
N PHE A 349 -20.97 14.89 -12.79
CA PHE A 349 -21.29 16.30 -12.59
C PHE A 349 -22.77 16.43 -12.27
N ILE A 350 -23.08 17.24 -11.25
CA ILE A 350 -24.45 17.52 -10.86
C ILE A 350 -24.66 19.03 -10.92
N PRO A 351 -25.53 19.53 -11.80
CA PRO A 351 -26.27 18.80 -12.84
C PRO A 351 -25.39 18.42 -14.02
N GLU A 352 -25.89 17.54 -14.88
CA GLU A 352 -25.13 17.13 -16.05
C GLU A 352 -24.90 18.32 -16.97
N LEU A 353 -23.70 18.35 -17.57
CA LEU A 353 -23.32 19.44 -18.46
C LEU A 353 -24.15 19.44 -19.74
N PRO A 354 -24.50 20.60 -20.25
CA PRO A 354 -25.22 20.69 -21.53
C PRO A 354 -24.23 20.68 -22.69
N ALA A 355 -24.78 20.79 -23.91
CA ALA A 355 -23.97 20.81 -25.11
C ALA A 355 -23.34 22.18 -25.32
#